data_8WOH
#
_entry.id   8WOH
#
_cell.length_a   71.660
_cell.length_b   77.964
_cell.length_c   99.378
_cell.angle_alpha   90.000
_cell.angle_beta   90.000
_cell.angle_gamma   90.000
#
_symmetry.space_group_name_H-M   'P 21 21 21'
#
loop_
_entity.id
_entity.type
_entity.pdbx_description
1 polymer '18bp DNA'
2 polymer '18bp DNA'
3 polymer 'Coiled-coil domain-containing protein 25'
#
loop_
_entity_poly.entity_id
_entity_poly.type
_entity_poly.pdbx_seq_one_letter_code
_entity_poly.pdbx_strand_id
1 'polydeoxyribonucleotide' (DA)(DA)(DG)(DA)(DT)(DC)(DT)(DA)(DC)(DT)(DA)(DG)(DT)(DG)(DA)(DT)(DC)(DT)(DA) C
2 'polydeoxyribonucleotide' (DT)(DT)(DA)(DG)(DA)(DT)(DC)(DA)(DC)(DT)(DA)(DG)(DT)(DA)(DG)(DA)(DT)(DC)(DT) D
3 'polypeptide(L)'
;HHHHHHSSGMVFYFTSSSVNSSAYTIYMGKDKYENEDLIKHGWPEDIWFHVDKLSSAHVYLRLHKGENIEDIPKEVLMDC
AHLVKANSIQGCKMNNVNVVYTPWSNLKKTADMDVGQIGFHRQKDVKIVTVEKKVNEILNRLEKTKVERFPDLAAEKECR
DREERNEKKAQIQEMKKREKEEMKKKREMDELRS
;
B,A
#
# COMPACT_ATOMS: atom_id res chain seq x y z
N HIS C 1 13.49 -1.10 -13.37
CA HIS C 1 14.64 -1.48 -12.57
C HIS C 1 15.07 -0.40 -11.57
N HIS C 2 14.36 0.73 -11.55
CA HIS C 2 14.64 1.85 -10.63
C HIS C 2 16.05 2.42 -10.81
N HIS C 3 16.53 2.42 -12.05
CA HIS C 3 17.88 2.87 -12.36
C HIS C 3 18.08 4.39 -12.20
N HIS C 4 18.00 4.90 -10.96
CA HIS C 4 18.07 6.33 -10.70
C HIS C 4 19.10 6.61 -9.61
N HIS C 5 19.73 7.79 -9.71
CA HIS C 5 20.71 8.29 -8.74
C HIS C 5 20.03 9.09 -7.62
N HIS C 6 20.51 10.32 -7.36
CA HIS C 6 19.99 11.13 -6.26
C HIS C 6 19.32 12.41 -6.74
N SER C 7 18.13 12.66 -6.21
CA SER C 7 17.41 13.91 -6.42
C SER C 7 16.52 14.09 -5.20
N SER C 8 16.50 15.31 -4.67
CA SER C 8 15.68 15.64 -3.51
C SER C 8 14.26 15.10 -3.68
N GLY C 9 13.70 14.57 -2.58
CA GLY C 9 12.38 13.94 -2.58
C GLY C 9 12.40 12.41 -2.63
N MET C 10 13.55 11.81 -2.88
CA MET C 10 13.72 10.35 -2.96
C MET C 10 13.42 9.68 -1.62
N VAL C 11 12.50 8.73 -1.59
CA VAL C 11 12.26 7.97 -0.37
C VAL C 11 12.24 6.49 -0.68
N PHE C 12 13.04 5.73 0.06
CA PHE C 12 13.05 4.29 -0.06
C PHE C 12 11.85 3.67 0.62
N TYR C 13 11.32 2.61 0.00
CA TYR C 13 10.19 1.85 0.53
C TYR C 13 10.52 0.38 0.36
N PHE C 14 10.19 -0.42 1.36
CA PHE C 14 10.48 -1.82 1.36
C PHE C 14 9.23 -2.56 1.81
N THR C 15 9.28 -3.88 1.81
CA THR C 15 8.12 -4.66 2.23
C THR C 15 8.58 -5.88 3.02
N SER C 16 7.89 -6.15 4.14
CA SER C 16 8.16 -7.27 5.03
C SER C 16 6.87 -8.01 5.38
N SER C 17 6.90 -9.35 5.30
CA SER C 17 5.74 -10.20 5.48
C SER C 17 5.61 -10.75 6.90
N SER C 18 4.38 -11.09 7.27
CA SER C 18 4.12 -11.69 8.56
C SER C 18 3.72 -13.16 8.40
N VAL C 19 3.91 -13.93 9.48
CA VAL C 19 3.56 -15.35 9.43
C VAL C 19 2.05 -15.51 9.28
N ASN C 20 1.25 -14.58 9.84
CA ASN C 20 -0.19 -14.51 9.56
C ASN C 20 -0.49 -14.02 8.14
N SER C 21 0.55 -13.76 7.33
CA SER C 21 0.42 -13.29 5.94
C SER C 21 -0.13 -11.86 5.83
N SER C 22 0.21 -10.99 6.78
CA SER C 22 -0.06 -9.57 6.64
C SER C 22 1.25 -8.92 6.19
N ALA C 23 1.17 -8.10 5.15
CA ALA C 23 2.35 -7.45 4.59
C ALA C 23 2.48 -6.06 5.20
N TYR C 24 3.71 -5.67 5.55
CA TYR C 24 4.01 -4.41 6.23
C TYR C 24 4.93 -3.57 5.35
N THR C 25 4.72 -2.25 5.35
CA THR C 25 5.57 -1.36 4.58
C THR C 25 6.59 -0.68 5.48
N ILE C 26 7.85 -0.69 5.06
CA ILE C 26 8.94 -0.06 5.79
C ILE C 26 9.57 0.99 4.87
N TYR C 27 9.77 2.19 5.37
CA TYR C 27 10.30 3.27 4.55
C TYR C 27 11.37 4.03 5.31
N MET C 28 12.37 4.50 4.58
CA MET C 28 13.56 5.06 5.19
C MET C 28 14.03 6.30 4.45
N GLY C 29 14.37 7.34 5.22
CA GLY C 29 15.10 8.45 4.66
C GLY C 29 16.56 8.36 5.07
N LYS C 30 17.46 8.13 4.10
CA LYS C 30 18.89 8.10 4.39
C LYS C 30 19.45 9.49 4.63
N ASP C 31 18.71 10.51 4.21
CA ASP C 31 19.20 11.87 4.00
C ASP C 31 18.77 12.81 5.12
N LYS C 32 19.69 13.71 5.51
CA LYS C 32 19.44 14.61 6.63
C LYS C 32 18.25 15.51 6.38
N TYR C 33 18.14 16.08 5.19
CA TYR C 33 17.00 16.92 4.89
C TYR C 33 15.75 16.08 4.77
N GLU C 34 15.78 15.09 3.87
CA GLU C 34 14.67 14.14 3.66
C GLU C 34 14.02 13.70 4.95
N ASN C 35 14.84 13.27 5.91
CA ASN C 35 14.37 12.84 7.21
C ASN C 35 13.35 13.82 7.76
N GLU C 36 13.67 15.12 7.69
CA GLU C 36 12.88 16.18 8.31
C GLU C 36 11.42 16.17 7.86
N ASP C 37 11.17 16.00 6.56
CA ASP C 37 9.78 15.98 6.09
C ASP C 37 9.06 14.72 6.56
N LEU C 38 9.72 13.56 6.38
CA LEU C 38 9.23 12.28 6.91
C LEU C 38 8.77 12.49 8.34
N ILE C 39 9.51 13.32 9.07
CA ILE C 39 9.16 13.67 10.43
C ILE C 39 7.93 14.57 10.47
N LYS C 40 7.86 15.56 9.58
CA LYS C 40 6.68 16.44 9.55
C LYS C 40 5.41 15.71 9.15
N HIS C 41 5.50 14.81 8.17
CA HIS C 41 4.32 14.23 7.54
C HIS C 41 4.12 12.74 7.89
N GLY C 42 4.79 12.25 8.92
CA GLY C 42 4.61 10.89 9.36
C GLY C 42 3.17 10.61 9.81
N TRP C 43 2.89 9.31 10.00
CA TRP C 43 1.50 8.92 10.23
C TRP C 43 1.28 8.48 11.66
N PRO C 44 0.03 8.54 12.14
CA PRO C 44 -0.26 7.97 13.47
C PRO C 44 0.18 6.51 13.60
N GLU C 45 0.01 5.73 12.53
CA GLU C 45 0.36 4.32 12.51
C GLU C 45 1.83 4.07 12.16
N ASP C 46 2.68 5.09 12.22
CA ASP C 46 4.07 4.83 11.91
C ASP C 46 4.92 4.65 13.16
N ILE C 47 5.89 3.76 13.05
CA ILE C 47 6.79 3.48 14.14
C ILE C 47 8.19 3.85 13.73
N TRP C 48 8.80 4.71 14.53
CA TRP C 48 10.09 5.33 14.24
C TRP C 48 11.20 4.49 14.83
N PHE C 49 12.28 4.35 14.06
CA PHE C 49 13.41 3.48 14.37
C PHE C 49 14.73 4.22 14.19
N HIS C 50 15.67 3.98 15.08
CA HIS C 50 16.98 4.66 14.98
C HIS C 50 17.98 3.97 15.90
N VAL C 51 19.22 4.03 15.51
CA VAL C 51 20.27 3.49 16.37
C VAL C 51 20.47 4.46 17.52
N ASP C 52 20.76 3.92 18.71
CA ASP C 52 20.90 4.70 19.93
C ASP C 52 22.29 5.31 20.00
N LYS C 53 22.37 6.58 20.39
CA LYS C 53 23.66 7.26 20.58
C LYS C 53 24.58 7.01 19.39
N LEU C 54 24.02 7.12 18.19
CA LEU C 54 24.80 6.88 16.98
C LEU C 54 24.09 7.57 15.85
N SER C 55 24.82 7.86 14.79
CA SER C 55 24.22 8.53 13.67
C SER C 55 23.77 7.45 12.71
N SER C 56 22.51 7.54 12.31
CA SER C 56 21.86 6.53 11.48
C SER C 56 20.69 7.19 10.80
N ALA C 57 20.22 6.56 9.73
CA ALA C 57 19.07 7.05 9.00
C ALA C 57 17.81 6.86 9.86
N HIS C 58 16.66 7.23 9.30
CA HIS C 58 15.41 7.15 10.04
C HIS C 58 14.50 6.12 9.37
N VAL C 59 14.56 4.88 9.82
CA VAL C 59 13.71 3.83 9.28
C VAL C 59 12.34 3.91 9.93
N TYR C 60 11.29 3.88 9.11
CA TYR C 60 9.94 3.88 9.66
C TYR C 60 9.20 2.64 9.22
N LEU C 61 8.27 2.23 10.11
CA LEU C 61 7.43 1.08 9.92
C LEU C 61 6.00 1.51 10.08
N ARG C 62 5.12 1.05 9.16
CA ARG C 62 3.72 1.49 9.11
C ARG C 62 2.78 0.35 9.47
N LEU C 63 2.07 0.50 10.57
CA LEU C 63 1.16 -0.56 10.98
C LEU C 63 -0.14 -0.47 10.18
N HIS C 64 -0.90 -1.56 10.20
CA HIS C 64 -2.22 -1.49 9.60
C HIS C 64 -3.10 -0.65 10.50
N LYS C 65 -4.20 -0.14 9.94
CA LYS C 65 -5.06 0.77 10.69
C LYS C 65 -5.39 0.17 12.04
N GLY C 66 -5.27 0.99 13.08
CA GLY C 66 -5.65 0.59 14.43
C GLY C 66 -4.76 -0.44 15.07
N GLU C 67 -3.69 -0.83 14.41
CA GLU C 67 -2.76 -1.75 15.02
C GLU C 67 -1.94 -1.00 16.07
N ASN C 68 -1.37 -1.74 16.98
CA ASN C 68 -0.73 -1.11 18.12
C ASN C 68 0.71 -1.58 18.24
N ILE C 69 1.54 -0.69 18.77
CA ILE C 69 2.99 -0.93 18.74
C ILE C 69 3.37 -2.24 19.45
N GLU C 70 2.65 -2.64 20.50
CA GLU C 70 3.05 -3.87 21.19
C GLU C 70 2.85 -5.10 20.33
N ASP C 71 1.77 -5.15 19.53
CA ASP C 71 1.41 -6.26 18.65
C ASP C 71 2.29 -6.38 17.47
N ILE C 72 3.37 -5.62 17.37
CA ILE C 72 4.24 -5.70 16.20
C ILE C 72 4.83 -7.10 16.14
N PRO C 73 4.62 -7.83 15.03
CA PRO C 73 5.27 -9.14 14.90
C PRO C 73 6.76 -9.03 15.08
N LYS C 74 7.33 -9.97 15.80
CA LYS C 74 8.78 -9.89 16.05
C LYS C 74 9.56 -10.02 14.75
N GLU C 75 9.06 -10.82 13.80
CA GLU C 75 9.74 -10.96 12.52
C GLU C 75 9.93 -9.61 11.83
N VAL C 76 8.87 -8.79 11.81
CA VAL C 76 8.95 -7.50 11.13
C VAL C 76 9.79 -6.54 11.93
N LEU C 77 9.49 -6.39 13.22
CA LEU C 77 10.25 -5.47 14.06
C LEU C 77 11.75 -5.74 13.94
N MET C 78 12.14 -7.01 13.76
CA MET C 78 13.56 -7.31 13.56
C MET C 78 14.06 -6.77 12.23
N ASP C 79 13.26 -6.91 11.18
CA ASP C 79 13.68 -6.36 9.89
C ASP C 79 13.89 -4.86 9.97
N CYS C 80 13.03 -4.14 10.70
CA CYS C 80 13.32 -2.73 10.89
C CYS C 80 14.66 -2.55 11.58
N ALA C 81 14.90 -3.30 12.66
CA ALA C 81 16.11 -3.05 13.44
C ALA C 81 17.36 -3.41 12.67
N HIS C 82 17.29 -4.45 11.84
CA HIS C 82 18.44 -4.84 11.05
C HIS C 82 18.75 -3.80 9.98
N LEU C 83 17.71 -3.15 9.44
CA LEU C 83 17.89 -2.10 8.45
C LEU C 83 18.60 -0.89 9.03
N VAL C 84 18.03 -0.30 10.09
CA VAL C 84 18.58 0.92 10.67
C VAL C 84 20.01 0.67 11.16
N LYS C 85 20.32 -0.57 11.52
CA LYS C 85 21.71 -0.94 11.83
C LYS C 85 22.57 -0.89 10.58
N ALA C 86 22.21 -1.66 9.54
CA ALA C 86 23.00 -1.66 8.33
C ALA C 86 23.07 -0.25 7.73
N ASN C 87 22.02 0.55 7.89
CA ASN C 87 22.09 1.95 7.46
C ASN C 87 22.51 2.84 8.61
N SER C 88 23.46 2.34 9.40
CA SER C 88 24.19 3.14 10.38
C SER C 88 25.67 3.02 10.03
N ILE C 89 26.29 4.18 9.99
CA ILE C 89 27.70 4.33 9.66
C ILE C 89 28.59 3.51 10.57
N GLN C 90 28.44 3.62 11.88
CA GLN C 90 29.19 2.65 12.64
C GLN C 90 28.38 1.39 12.91
N GLY C 91 27.05 1.48 12.98
CA GLY C 91 26.25 0.31 13.32
C GLY C 91 26.42 -0.86 12.37
N CYS C 92 26.61 -0.59 11.07
CA CYS C 92 26.61 -1.65 10.06
C CYS C 92 27.59 -2.76 10.38
N LYS C 93 28.55 -2.49 11.25
CA LYS C 93 29.53 -3.48 11.67
C LYS C 93 29.52 -3.76 13.17
N MET C 94 28.94 -2.89 13.98
CA MET C 94 28.99 -3.05 15.42
C MET C 94 28.10 -4.20 15.88
N ASN C 95 28.56 -4.95 16.86
CA ASN C 95 27.77 -6.02 17.43
C ASN C 95 27.14 -5.54 18.75
N ASN C 96 25.98 -6.12 19.08
CA ASN C 96 25.22 -5.72 20.27
C ASN C 96 24.96 -4.21 20.32
N VAL C 97 24.32 -3.72 19.24
CA VAL C 97 23.92 -2.31 19.11
C VAL C 97 22.47 -2.14 19.53
N ASN C 98 22.15 -0.93 19.95
CA ASN C 98 20.86 -0.58 20.54
C ASN C 98 20.05 0.30 19.59
N VAL C 99 18.86 -0.15 19.23
CA VAL C 99 17.94 0.59 18.40
C VAL C 99 16.78 1.03 19.26
N VAL C 100 16.43 2.28 19.18
CA VAL C 100 15.27 2.78 19.90
C VAL C 100 14.15 2.88 18.89
N TYR C 101 12.95 2.57 19.35
CA TYR C 101 11.79 2.78 18.52
C TYR C 101 10.65 3.31 19.35
N THR C 102 9.79 4.08 18.69
CA THR C 102 8.66 4.74 19.31
C THR C 102 7.70 5.10 18.21
N PRO C 103 6.42 5.28 18.52
CA PRO C 103 5.49 5.76 17.50
C PRO C 103 5.88 7.15 17.02
N TRP C 104 5.56 7.42 15.76
CA TRP C 104 5.86 8.74 15.20
C TRP C 104 5.20 9.80 16.04
N SER C 105 4.04 9.49 16.61
CA SER C 105 3.29 10.46 17.38
C SER C 105 4.04 10.89 18.62
N ASN C 106 4.84 10.00 19.20
CA ASN C 106 5.64 10.37 20.36
C ASN C 106 6.82 11.25 19.99
N LEU C 107 7.04 11.50 18.70
CA LEU C 107 8.16 12.34 18.28
C LEU C 107 7.86 13.80 18.58
N LYS C 108 8.87 14.53 19.04
CA LYS C 108 8.74 15.93 19.38
C LYS C 108 9.97 16.67 18.88
N LYS C 109 9.80 17.88 18.34
CA LYS C 109 10.92 18.71 17.86
C LYS C 109 10.87 20.08 18.52
N THR C 110 11.80 20.33 19.45
CA THR C 110 11.97 21.64 20.09
C THR C 110 12.77 22.63 19.22
N ALA C 111 12.66 23.91 19.57
CA ALA C 111 13.41 24.98 18.90
C ALA C 111 14.93 24.84 19.04
N ASP C 112 15.42 24.05 20.01
CA ASP C 112 16.84 23.72 20.06
C ASP C 112 17.24 22.78 18.91
N MET C 113 16.38 21.83 18.58
CA MET C 113 16.62 20.80 17.56
C MET C 113 16.82 21.37 16.17
N ASP C 114 17.85 20.91 15.47
CA ASP C 114 18.04 21.43 14.15
C ASP C 114 17.46 20.37 13.19
N VAL C 115 17.87 20.40 11.92
CA VAL C 115 17.35 19.45 10.92
C VAL C 115 17.92 18.05 11.17
N GLY C 116 17.05 17.04 11.19
CA GLY C 116 17.52 15.69 11.43
C GLY C 116 17.73 15.35 12.87
N GLN C 117 17.20 16.19 13.77
CA GLN C 117 17.24 16.00 15.21
C GLN C 117 15.82 15.91 15.70
N ILE C 118 15.54 14.91 16.52
CA ILE C 118 14.18 14.76 17.04
C ILE C 118 14.22 14.37 18.51
N GLY C 119 13.08 14.59 19.20
CA GLY C 119 12.91 14.26 20.59
C GLY C 119 11.70 13.36 20.81
N PHE C 120 11.42 13.10 22.08
CA PHE C 120 10.29 12.28 22.50
C PHE C 120 9.41 13.01 23.50
N HIS C 121 8.14 13.21 23.16
CA HIS C 121 7.18 13.75 24.12
C HIS C 121 7.26 12.98 25.42
N ARG C 122 7.16 11.64 25.34
CA ARG C 122 7.14 10.73 26.49
C ARG C 122 8.25 9.71 26.41
N GLN C 123 9.18 9.75 27.38
CA GLN C 123 10.24 8.75 27.42
C GLN C 123 9.71 7.38 27.74
N LYS C 124 8.51 7.31 28.30
CA LYS C 124 7.94 6.01 28.64
C LYS C 124 7.59 5.25 27.38
N ASP C 125 7.07 5.94 26.39
CA ASP C 125 6.68 5.35 25.11
C ASP C 125 7.87 5.08 24.19
N VAL C 126 9.08 5.35 24.63
CA VAL C 126 10.26 4.92 23.92
C VAL C 126 10.59 3.51 24.35
N LYS C 127 10.89 2.63 23.39
CA LYS C 127 11.28 1.24 23.61
C LYS C 127 12.67 1.01 23.02
N ILE C 128 13.31 -0.10 23.43
CA ILE C 128 14.68 -0.44 22.97
C ILE C 128 14.74 -1.91 22.56
N VAL C 129 15.53 -2.21 21.53
CA VAL C 129 15.87 -3.59 21.17
C VAL C 129 17.30 -3.64 20.65
N THR C 130 18.02 -4.69 20.99
CA THR C 130 19.43 -4.82 20.62
C THR C 130 19.52 -5.90 19.56
N VAL C 131 20.26 -5.61 18.50
CA VAL C 131 20.56 -6.57 17.44
C VAL C 131 22.03 -6.99 17.57
N GLU C 132 22.30 -8.31 17.44
CA GLU C 132 23.63 -8.77 17.85
C GLU C 132 24.65 -8.69 16.74
N LYS C 133 24.31 -9.19 15.55
CA LYS C 133 25.25 -9.23 14.45
C LYS C 133 24.48 -9.20 13.13
N LYS C 134 25.16 -8.75 12.07
CA LYS C 134 24.51 -8.66 10.75
C LYS C 134 24.01 -10.03 10.32
N VAL C 135 22.81 -10.03 9.75
CA VAL C 135 22.21 -11.25 9.23
C VAL C 135 21.82 -10.96 7.79
N ASN C 136 22.80 -11.01 6.89
CA ASN C 136 22.64 -10.59 5.51
C ASN C 136 21.49 -11.32 4.80
N GLU C 137 21.08 -12.50 5.28
CA GLU C 137 20.02 -13.24 4.62
C GLU C 137 18.70 -12.50 4.75
N ILE C 138 18.51 -11.80 5.86
CA ILE C 138 17.41 -10.83 5.98
C ILE C 138 17.60 -9.72 4.95
N LEU C 139 18.75 -9.05 4.99
CA LEU C 139 18.98 -7.87 4.15
C LEU C 139 18.83 -8.21 2.68
N ASN C 140 19.29 -9.39 2.27
CA ASN C 140 19.09 -9.76 0.88
C ASN C 140 17.61 -9.82 0.56
N ARG C 141 16.80 -10.37 1.48
CA ARG C 141 15.37 -10.44 1.22
C ARG C 141 14.77 -9.04 1.10
N LEU C 142 15.17 -8.13 1.99
CA LEU C 142 14.54 -6.81 2.00
C LEU C 142 14.91 -6.00 0.76
N GLU C 143 16.18 -6.08 0.32
CA GLU C 143 16.60 -5.34 -0.87
C GLU C 143 15.79 -5.73 -2.11
N LYS C 144 15.31 -6.98 -2.18
CA LYS C 144 14.49 -7.41 -3.31
C LYS C 144 13.20 -6.61 -3.43
N THR C 145 12.71 -6.03 -2.32
CA THR C 145 11.50 -5.21 -2.32
C THR C 145 11.78 -3.71 -2.32
N LYS C 146 13.05 -3.30 -2.35
CA LYS C 146 13.39 -1.88 -2.33
C LYS C 146 12.80 -1.19 -3.54
N VAL C 147 12.26 0.00 -3.34
CA VAL C 147 11.82 0.86 -4.43
C VAL C 147 12.04 2.31 -4.02
N GLU C 148 12.38 3.14 -5.02
CA GLU C 148 12.54 4.57 -4.81
C GLU C 148 11.33 5.29 -5.37
N ARG C 149 10.81 6.23 -4.61
CA ARG C 149 9.65 6.98 -5.03
C ARG C 149 9.77 8.41 -4.52
N PHE C 150 9.13 9.35 -5.22
CA PHE C 150 9.20 10.76 -4.86
C PHE C 150 7.78 11.18 -4.48
N PRO C 151 7.33 10.83 -3.31
CA PRO C 151 5.92 11.05 -2.97
C PRO C 151 5.64 12.51 -2.65
N ASP C 152 4.36 12.86 -2.70
CA ASP C 152 3.93 14.12 -2.11
C ASP C 152 3.42 13.83 -0.69
N LEU C 153 4.38 13.63 0.21
CA LEU C 153 4.09 13.28 1.60
C LEU C 153 2.93 14.08 2.20
N ALA C 154 2.96 15.41 2.08
CA ALA C 154 1.85 16.20 2.61
C ALA C 154 0.54 15.67 2.04
N ALA C 155 0.49 15.40 0.74
CA ALA C 155 -0.73 14.92 0.13
C ALA C 155 -1.16 13.56 0.73
N GLU C 156 -0.26 12.59 0.75
CA GLU C 156 -0.64 11.23 1.17
C GLU C 156 -1.17 11.20 2.59
N LYS C 157 -0.55 11.93 3.51
CA LYS C 157 -1.08 11.97 4.87
C LYS C 157 -2.52 12.44 4.85
N GLU C 158 -2.80 13.54 4.13
CA GLU C 158 -4.16 14.07 4.01
C GLU C 158 -5.13 13.02 3.47
N CYS C 159 -4.73 12.25 2.45
CA CYS C 159 -5.59 11.19 1.97
C CYS C 159 -6.01 10.29 3.09
N ARG C 160 -5.04 9.84 3.89
CA ARG C 160 -5.37 8.97 5.01
C ARG C 160 -6.31 9.66 5.99
N ASP C 161 -5.97 10.88 6.42
CA ASP C 161 -6.87 11.62 7.31
C ASP C 161 -8.30 11.57 6.77
N ARG C 162 -8.44 11.69 5.45
CA ARG C 162 -9.77 11.74 4.82
C ARG C 162 -10.54 10.44 5.00
N GLU C 163 -9.94 9.30 4.65
CA GLU C 163 -10.56 8.00 4.90
C GLU C 163 -11.08 7.91 6.33
N GLU C 164 -10.22 8.25 7.29
CA GLU C 164 -10.60 8.26 8.68
C GLU C 164 -11.87 9.07 8.90
N ARG C 165 -11.87 10.35 8.48
CA ARG C 165 -13.07 11.16 8.60
C ARG C 165 -14.24 10.46 7.92
N ASN C 166 -14.02 9.85 6.75
CA ASN C 166 -15.12 9.14 6.10
C ASN C 166 -15.60 7.97 6.95
N GLU C 167 -14.69 7.26 7.60
CA GLU C 167 -15.08 6.15 8.46
C GLU C 167 -15.87 6.66 9.67
N LYS C 168 -15.47 7.81 10.23
CA LYS C 168 -16.26 8.42 11.29
C LYS C 168 -17.66 8.79 10.82
N LYS C 169 -17.77 9.43 9.64
CA LYS C 169 -19.08 9.81 9.12
C LYS C 169 -19.97 8.59 9.04
N ALA C 170 -19.44 7.52 8.48
CA ALA C 170 -20.22 6.32 8.29
C ALA C 170 -20.73 5.78 9.61
N GLN C 171 -19.83 5.65 10.59
CA GLN C 171 -20.25 5.19 11.90
C GLN C 171 -21.42 6.03 12.39
N ILE C 172 -21.27 7.37 12.28
CA ILE C 172 -22.28 8.31 12.76
C ILE C 172 -23.59 8.11 12.02
N GLN C 173 -23.50 7.77 10.74
CA GLN C 173 -24.71 7.55 9.97
C GLN C 173 -25.46 6.34 10.47
N GLU C 174 -24.75 5.25 10.72
CA GLU C 174 -25.41 4.06 11.23
C GLU C 174 -25.99 4.29 12.62
N MET C 175 -25.36 5.15 13.43
CA MET C 175 -25.94 5.51 14.72
C MET C 175 -27.24 6.26 14.53
N LYS C 176 -27.22 7.24 13.64
CA LYS C 176 -28.44 7.98 13.35
C LYS C 176 -29.51 7.02 12.84
N LYS C 177 -29.09 6.02 12.05
CA LYS C 177 -30.05 5.02 11.59
C LYS C 177 -30.63 4.24 12.76
N ARG C 178 -29.79 3.74 13.66
CA ARG C 178 -30.31 2.95 14.78
C ARG C 178 -31.13 3.81 15.72
N GLU C 179 -30.69 5.05 15.97
CA GLU C 179 -31.48 5.92 16.83
C GLU C 179 -32.83 6.18 16.19
N LYS C 180 -32.86 6.31 14.87
CA LYS C 180 -34.14 6.48 14.19
C LYS C 180 -35.01 5.24 14.38
N GLU C 181 -34.46 4.05 14.20
CA GLU C 181 -35.25 2.84 14.32
C GLU C 181 -35.84 2.70 15.72
N GLU C 182 -35.13 3.17 16.76
CA GLU C 182 -35.64 3.06 18.13
C GLU C 182 -36.84 3.99 18.37
N MET C 183 -36.81 5.24 17.84
CA MET C 183 -37.96 6.12 18.04
C MET C 183 -39.21 5.52 17.44
N LYS C 184 -39.06 4.91 16.25
CA LYS C 184 -40.18 4.23 15.63
C LYS C 184 -40.67 3.07 16.49
N LYS C 185 -39.74 2.36 17.16
CA LYS C 185 -40.09 1.19 17.97
C LYS C 185 -41.28 1.38 18.91
N LYS C 186 -41.60 2.61 19.36
CA LYS C 186 -42.72 2.80 20.28
C LYS C 186 -43.50 4.08 19.95
N ARG C 187 -43.85 4.31 18.68
CA ARG C 187 -44.52 5.58 18.35
C ARG C 187 -45.71 5.49 17.36
N HIS D 5 -27.95 5.56 -5.84
CA HIS D 5 -26.82 6.48 -5.71
C HIS D 5 -26.22 6.43 -4.30
N HIS D 6 -26.29 5.25 -3.67
CA HIS D 6 -25.82 5.09 -2.30
C HIS D 6 -24.32 5.38 -2.27
N SER D 7 -23.87 6.21 -1.33
CA SER D 7 -22.44 6.48 -1.22
C SER D 7 -21.70 5.17 -0.92
N SER D 8 -22.05 4.52 0.19
CA SER D 8 -21.50 3.22 0.58
C SER D 8 -19.99 3.16 0.36
N GLY D 9 -19.31 4.26 0.73
CA GLY D 9 -17.88 4.43 0.51
C GLY D 9 -16.99 3.22 0.73
N MET D 10 -17.54 2.17 1.32
CA MET D 10 -16.77 0.98 1.70
C MET D 10 -16.15 0.29 0.50
N VAL D 11 -14.86 0.03 0.58
CA VAL D 11 -14.19 -0.81 -0.40
C VAL D 11 -13.44 -1.91 0.32
N PHE D 12 -13.66 -3.15 -0.10
CA PHE D 12 -12.91 -4.24 0.45
C PHE D 12 -11.51 -4.19 -0.14
N TYR D 13 -10.52 -4.52 0.69
CA TYR D 13 -9.12 -4.52 0.30
C TYR D 13 -8.50 -5.78 0.87
N PHE D 14 -7.64 -6.40 0.09
CA PHE D 14 -6.98 -7.65 0.46
C PHE D 14 -5.49 -7.50 0.22
N THR D 15 -4.77 -8.56 0.54
CA THR D 15 -3.33 -8.60 0.35
C THR D 15 -3.02 -10.02 -0.05
N SER D 16 -2.25 -10.19 -1.10
CA SER D 16 -1.87 -11.54 -1.47
C SER D 16 -0.39 -11.56 -1.70
N SER D 17 0.28 -12.51 -1.05
CA SER D 17 1.72 -12.62 -1.23
C SER D 17 1.94 -13.62 -2.35
N SER D 18 3.10 -13.52 -2.98
CA SER D 18 3.48 -14.43 -4.05
C SER D 18 4.58 -15.35 -3.56
N VAL D 19 4.76 -16.47 -4.27
CA VAL D 19 5.91 -17.35 -4.00
C VAL D 19 7.21 -16.64 -4.37
N ASN D 20 7.12 -15.67 -5.29
CA ASN D 20 8.19 -14.72 -5.59
C ASN D 20 8.50 -13.86 -4.38
N SER D 21 7.69 -13.99 -3.33
CA SER D 21 7.76 -13.27 -2.07
C SER D 21 7.43 -11.77 -2.22
N SER D 22 6.63 -11.41 -3.23
CA SER D 22 6.12 -10.05 -3.42
C SER D 22 4.65 -9.94 -3.05
N ALA D 23 4.31 -8.91 -2.25
CA ALA D 23 2.95 -8.72 -1.76
C ALA D 23 2.18 -7.78 -2.69
N TYR D 24 0.96 -8.19 -3.02
CA TYR D 24 0.08 -7.47 -3.94
C TYR D 24 -1.26 -7.14 -3.29
N THR D 25 -1.76 -5.94 -3.56
CA THR D 25 -3.05 -5.51 -3.01
C THR D 25 -4.14 -5.63 -4.07
N ILE D 26 -5.22 -6.28 -3.67
CA ILE D 26 -6.36 -6.60 -4.52
C ILE D 26 -7.57 -5.99 -3.86
N TYR D 27 -8.44 -5.34 -4.64
CA TYR D 27 -9.56 -4.65 -4.02
C TYR D 27 -10.87 -4.91 -4.75
N MET D 28 -11.94 -4.88 -3.99
CA MET D 28 -13.28 -5.16 -4.45
C MET D 28 -14.21 -4.10 -3.89
N GLY D 29 -15.20 -3.73 -4.71
CA GLY D 29 -16.26 -2.85 -4.27
C GLY D 29 -17.37 -3.64 -3.61
N LYS D 30 -17.74 -3.19 -2.40
CA LYS D 30 -18.85 -3.82 -1.72
C LYS D 30 -20.11 -3.67 -2.54
N ASP D 31 -20.16 -2.59 -3.31
CA ASP D 31 -21.34 -2.11 -3.99
C ASP D 31 -21.16 -2.25 -5.49
N LYS D 32 -22.25 -2.64 -6.15
CA LYS D 32 -22.31 -2.50 -7.59
C LYS D 32 -22.29 -1.02 -7.97
N TYR D 33 -22.84 -0.16 -7.11
CA TYR D 33 -22.74 1.29 -7.32
C TYR D 33 -21.31 1.76 -7.09
N GLU D 34 -20.77 1.55 -5.88
CA GLU D 34 -19.41 1.91 -5.49
C GLU D 34 -18.42 1.60 -6.62
N ASN D 35 -18.60 0.46 -7.28
CA ASN D 35 -17.75 0.06 -8.38
C ASN D 35 -17.55 1.21 -9.36
N GLU D 36 -18.63 1.95 -9.66
CA GLU D 36 -18.56 3.05 -10.62
C GLU D 36 -17.37 3.97 -10.33
N ASP D 37 -17.16 4.33 -9.06
CA ASP D 37 -16.01 5.17 -8.69
C ASP D 37 -14.70 4.44 -8.90
N LEU D 38 -14.64 3.19 -8.43
CA LEU D 38 -13.49 2.37 -8.74
C LEU D 38 -13.16 2.49 -10.19
N ILE D 39 -14.19 2.46 -11.05
CA ILE D 39 -13.95 2.65 -12.48
C ILE D 39 -13.56 4.09 -12.77
N LYS D 40 -14.29 5.06 -12.21
CA LYS D 40 -13.98 6.44 -12.51
C LYS D 40 -12.53 6.76 -12.13
N HIS D 41 -12.10 6.32 -10.95
CA HIS D 41 -10.84 6.77 -10.41
C HIS D 41 -9.77 5.69 -10.34
N GLY D 42 -9.96 4.55 -11.00
CA GLY D 42 -8.93 3.52 -11.01
C GLY D 42 -7.63 4.03 -11.62
N TRP D 43 -6.57 3.25 -11.43
CA TRP D 43 -5.22 3.66 -11.78
C TRP D 43 -4.71 2.90 -13.01
N PRO D 44 -3.75 3.47 -13.73
CA PRO D 44 -3.09 2.74 -14.83
C PRO D 44 -2.59 1.37 -14.44
N GLU D 45 -2.16 1.19 -13.19
CA GLU D 45 -1.58 -0.07 -12.74
C GLU D 45 -2.59 -1.08 -12.27
N ASP D 46 -3.88 -0.84 -12.45
CA ASP D 46 -4.89 -1.77 -11.97
C ASP D 46 -5.27 -2.75 -13.08
N ILE D 47 -5.62 -3.97 -12.69
CA ILE D 47 -6.09 -4.96 -13.63
C ILE D 47 -7.48 -5.40 -13.21
N TRP D 48 -8.41 -5.30 -14.15
CA TRP D 48 -9.81 -5.49 -13.87
C TRP D 48 -10.21 -6.93 -14.10
N PHE D 49 -11.01 -7.48 -13.20
CA PHE D 49 -11.41 -8.87 -13.27
C PHE D 49 -12.91 -8.98 -13.14
N HIS D 50 -13.50 -9.91 -13.87
CA HIS D 50 -14.92 -10.14 -13.86
C HIS D 50 -15.18 -11.49 -14.53
N VAL D 51 -16.32 -12.08 -14.20
CA VAL D 51 -16.72 -13.31 -14.88
C VAL D 51 -17.26 -12.96 -16.26
N ASP D 52 -16.99 -13.80 -17.26
CA ASP D 52 -17.45 -13.54 -18.62
C ASP D 52 -18.88 -14.00 -18.79
N LYS D 53 -19.69 -13.14 -19.41
CA LYS D 53 -21.09 -13.43 -19.78
C LYS D 53 -21.85 -14.06 -18.61
N LEU D 54 -21.66 -13.49 -17.42
CA LEU D 54 -22.35 -13.77 -16.17
C LEU D 54 -22.13 -12.58 -15.25
N SER D 55 -22.96 -12.51 -14.22
CA SER D 55 -22.92 -11.38 -13.29
C SER D 55 -22.08 -11.71 -12.07
N SER D 56 -21.19 -10.77 -11.71
CA SER D 56 -20.27 -10.90 -10.59
C SER D 56 -19.83 -9.51 -10.12
N ALA D 57 -19.27 -9.45 -8.91
CA ALA D 57 -18.67 -8.19 -8.49
C ALA D 57 -17.44 -7.92 -9.35
N HIS D 58 -16.77 -6.81 -9.10
CA HIS D 58 -15.63 -6.45 -9.94
C HIS D 58 -14.37 -6.41 -9.08
N VAL D 59 -13.64 -7.52 -9.06
CA VAL D 59 -12.39 -7.60 -8.31
C VAL D 59 -11.29 -6.92 -9.11
N TYR D 60 -10.49 -6.10 -8.44
CA TYR D 60 -9.35 -5.50 -9.10
C TYR D 60 -8.05 -5.85 -8.39
N LEU D 61 -6.98 -5.91 -9.17
CA LEU D 61 -5.63 -6.18 -8.70
C LEU D 61 -4.75 -5.05 -9.18
N ARG D 62 -3.92 -4.54 -8.27
CA ARG D 62 -3.05 -3.38 -8.52
C ARG D 62 -1.60 -3.84 -8.64
N LEU D 63 -1.04 -3.67 -9.83
CA LEU D 63 0.32 -4.11 -10.06
C LEU D 63 1.29 -3.12 -9.42
N HIS D 64 2.52 -3.58 -9.20
CA HIS D 64 3.58 -2.68 -8.75
C HIS D 64 4.00 -1.76 -9.90
N LYS D 65 4.64 -0.64 -9.53
CA LYS D 65 5.02 0.40 -10.48
C LYS D 65 5.72 -0.17 -11.72
N GLY D 66 5.32 0.31 -12.89
CA GLY D 66 5.91 -0.04 -14.16
C GLY D 66 5.68 -1.47 -14.60
N GLU D 67 4.90 -2.24 -13.85
CA GLU D 67 4.57 -3.60 -14.24
C GLU D 67 3.50 -3.65 -15.31
N ASN D 68 3.47 -4.78 -15.99
CA ASN D 68 2.62 -5.03 -17.15
C ASN D 68 1.76 -6.26 -16.92
N ILE D 69 0.61 -6.27 -17.59
CA ILE D 69 -0.44 -7.26 -17.33
C ILE D 69 0.09 -8.69 -17.39
N GLU D 70 1.02 -8.96 -18.29
CA GLU D 70 1.49 -10.33 -18.47
C GLU D 70 2.32 -10.80 -17.28
N ASP D 71 2.96 -9.85 -16.56
CA ASP D 71 3.87 -10.11 -15.46
C ASP D 71 3.17 -10.62 -14.20
N ILE D 72 1.85 -10.79 -14.19
CA ILE D 72 1.20 -11.24 -12.97
C ILE D 72 1.72 -12.63 -12.63
N PRO D 73 2.25 -12.82 -11.42
CA PRO D 73 2.61 -14.16 -10.97
C PRO D 73 1.39 -15.07 -11.07
N LYS D 74 1.58 -16.32 -11.49
CA LYS D 74 0.40 -17.17 -11.69
C LYS D 74 -0.34 -17.45 -10.37
N GLU D 75 0.40 -17.63 -9.26
CA GLU D 75 -0.25 -17.81 -7.96
C GLU D 75 -1.10 -16.59 -7.59
N VAL D 76 -0.59 -15.38 -7.89
CA VAL D 76 -1.34 -14.17 -7.59
C VAL D 76 -2.54 -14.03 -8.51
N LEU D 77 -2.33 -14.17 -9.82
CA LEU D 77 -3.44 -14.15 -10.77
C LEU D 77 -4.52 -15.12 -10.33
N MET D 78 -4.13 -16.24 -9.70
CA MET D 78 -5.10 -17.21 -9.21
C MET D 78 -5.95 -16.64 -8.08
N ASP D 79 -5.33 -15.86 -7.21
CA ASP D 79 -6.10 -15.27 -6.11
C ASP D 79 -7.22 -14.37 -6.63
N CYS D 80 -6.95 -13.54 -7.66
CA CYS D 80 -8.02 -12.69 -8.20
C CYS D 80 -9.19 -13.49 -8.77
N ALA D 81 -8.92 -14.48 -9.61
CA ALA D 81 -10.03 -15.15 -10.25
C ALA D 81 -10.84 -15.98 -9.27
N HIS D 82 -10.22 -16.48 -8.19
CA HIS D 82 -11.02 -17.24 -7.24
C HIS D 82 -12.01 -16.32 -6.55
N LEU D 83 -11.56 -15.10 -6.26
CA LEU D 83 -12.39 -14.10 -5.60
C LEU D 83 -13.58 -13.73 -6.46
N VAL D 84 -13.31 -13.39 -7.71
CA VAL D 84 -14.39 -13.07 -8.62
C VAL D 84 -15.37 -14.25 -8.72
N LYS D 85 -14.89 -15.49 -8.50
CA LYS D 85 -15.79 -16.65 -8.52
C LYS D 85 -16.76 -16.63 -7.34
N ALA D 86 -16.24 -16.65 -6.11
CA ALA D 86 -17.11 -16.75 -4.96
C ALA D 86 -18.10 -15.60 -4.89
N ASN D 87 -17.70 -14.43 -5.38
CA ASN D 87 -18.54 -13.22 -5.43
C ASN D 87 -19.21 -13.05 -6.80
N SER D 88 -19.71 -14.16 -7.32
CA SER D 88 -20.58 -14.19 -8.50
C SER D 88 -21.87 -14.93 -8.15
N ILE D 89 -22.98 -14.44 -8.71
CA ILE D 89 -24.25 -15.07 -8.42
C ILE D 89 -24.16 -16.57 -8.70
N GLN D 90 -23.72 -16.91 -9.91
CA GLN D 90 -23.63 -18.30 -10.30
C GLN D 90 -22.29 -18.94 -10.02
N GLY D 91 -21.20 -18.17 -9.97
CA GLY D 91 -19.88 -18.77 -9.83
C GLY D 91 -19.70 -19.58 -8.56
N CYS D 92 -20.20 -19.07 -7.43
CA CYS D 92 -19.97 -19.67 -6.11
C CYS D 92 -20.40 -21.14 -6.04
N LYS D 93 -21.26 -21.58 -6.94
CA LYS D 93 -21.66 -22.99 -7.03
C LYS D 93 -21.26 -23.65 -8.36
N MET D 94 -20.96 -22.86 -9.39
CA MET D 94 -20.53 -23.37 -10.70
C MET D 94 -19.06 -23.81 -10.70
N ASN D 95 -18.79 -24.92 -11.38
CA ASN D 95 -17.44 -25.39 -11.66
C ASN D 95 -17.07 -25.02 -13.09
N ASN D 96 -15.75 -24.90 -13.35
CA ASN D 96 -15.20 -24.50 -14.67
C ASN D 96 -15.73 -23.14 -15.13
N VAL D 97 -15.57 -22.15 -14.27
CA VAL D 97 -16.07 -20.81 -14.58
C VAL D 97 -14.95 -19.99 -15.19
N ASN D 98 -15.35 -19.04 -16.02
CA ASN D 98 -14.43 -18.29 -16.85
C ASN D 98 -14.35 -16.82 -16.40
N VAL D 99 -13.16 -16.38 -16.02
CA VAL D 99 -12.92 -15.02 -15.55
C VAL D 99 -12.13 -14.25 -16.59
N VAL D 100 -12.57 -13.03 -16.87
CA VAL D 100 -11.92 -12.13 -17.80
C VAL D 100 -11.14 -11.09 -17.01
N TYR D 101 -9.98 -10.70 -17.53
CA TYR D 101 -9.23 -9.63 -16.92
C TYR D 101 -8.63 -8.76 -18.02
N THR D 102 -8.49 -7.49 -17.69
CA THR D 102 -8.03 -6.48 -18.63
C THR D 102 -7.54 -5.31 -17.78
N PRO D 103 -6.61 -4.51 -18.28
CA PRO D 103 -6.22 -3.31 -17.54
C PRO D 103 -7.36 -2.34 -17.41
N TRP D 104 -7.29 -1.59 -16.32
CA TRP D 104 -8.28 -0.56 -16.08
C TRP D 104 -8.34 0.41 -17.24
N SER D 105 -7.18 0.66 -17.86
CA SER D 105 -7.18 1.62 -18.96
C SER D 105 -7.96 1.12 -20.17
N ASN D 106 -8.00 -0.20 -20.42
CA ASN D 106 -8.77 -0.67 -21.56
C ASN D 106 -10.28 -0.58 -21.34
N LEU D 107 -10.70 -0.24 -20.13
CA LEU D 107 -12.12 -0.12 -19.82
C LEU D 107 -12.68 1.20 -20.35
N LYS D 108 -13.88 1.13 -20.96
CA LYS D 108 -14.55 2.29 -21.51
C LYS D 108 -15.97 2.28 -21.00
N LYS D 109 -16.42 3.45 -20.52
CA LYS D 109 -17.74 3.56 -19.90
C LYS D 109 -18.77 3.71 -20.99
N THR D 110 -19.64 2.71 -21.08
CA THR D 110 -20.67 2.70 -22.11
C THR D 110 -21.71 3.80 -21.85
N ALA D 111 -22.35 4.26 -22.93
CA ALA D 111 -23.37 5.30 -22.79
C ALA D 111 -24.55 4.81 -21.97
N ASP D 112 -25.08 3.62 -22.31
CA ASP D 112 -26.00 2.86 -21.45
C ASP D 112 -25.20 2.24 -20.32
N MET D 113 -24.58 3.11 -19.52
CA MET D 113 -23.63 2.64 -18.52
C MET D 113 -24.26 1.63 -17.56
N ASP D 114 -25.54 1.76 -17.25
CA ASP D 114 -26.17 0.90 -16.25
C ASP D 114 -25.29 0.90 -15.01
N VAL D 115 -25.40 -0.11 -14.18
CA VAL D 115 -24.52 -0.27 -13.05
C VAL D 115 -23.95 -1.67 -13.21
N GLY D 116 -22.63 -1.78 -13.14
CA GLY D 116 -22.01 -3.08 -13.34
C GLY D 116 -21.77 -3.43 -14.80
N GLN D 117 -21.82 -2.47 -15.70
CA GLN D 117 -21.57 -2.72 -17.11
C GLN D 117 -20.42 -1.85 -17.61
N ILE D 118 -19.45 -2.50 -18.25
CA ILE D 118 -18.30 -1.82 -18.83
C ILE D 118 -17.99 -2.43 -20.19
N GLY D 119 -17.28 -1.65 -21.01
CA GLY D 119 -16.80 -2.13 -22.28
C GLY D 119 -15.28 -2.06 -22.29
N PHE D 120 -14.70 -2.55 -23.37
CA PHE D 120 -13.25 -2.58 -23.55
C PHE D 120 -12.92 -1.86 -24.84
N HIS D 121 -12.02 -0.87 -24.75
CA HIS D 121 -11.57 -0.15 -25.94
C HIS D 121 -11.13 -1.11 -27.04
N ARG D 122 -10.29 -2.08 -26.70
CA ARG D 122 -9.84 -3.06 -27.67
C ARG D 122 -10.04 -4.48 -27.12
N GLN D 123 -10.91 -5.26 -27.76
CA GLN D 123 -11.14 -6.63 -27.28
C GLN D 123 -9.90 -7.49 -27.26
N LYS D 124 -8.91 -7.18 -28.10
CA LYS D 124 -7.67 -7.93 -28.10
C LYS D 124 -6.95 -7.78 -26.75
N ASP D 125 -7.05 -6.59 -26.14
CA ASP D 125 -6.45 -6.40 -24.83
C ASP D 125 -7.22 -7.08 -23.72
N VAL D 126 -8.33 -7.76 -24.04
CA VAL D 126 -9.04 -8.58 -23.06
C VAL D 126 -8.41 -9.95 -23.00
N LYS D 127 -8.12 -10.41 -21.80
CA LYS D 127 -7.52 -11.71 -21.60
C LYS D 127 -8.48 -12.56 -20.80
N ILE D 128 -8.28 -13.88 -20.87
CA ILE D 128 -9.15 -14.81 -20.16
C ILE D 128 -8.31 -15.91 -19.51
N VAL D 129 -8.74 -16.31 -18.30
CA VAL D 129 -8.20 -17.45 -17.57
C VAL D 129 -9.38 -18.11 -16.88
N THR D 130 -9.35 -19.44 -16.76
CA THR D 130 -10.48 -20.23 -16.28
C THR D 130 -10.26 -20.75 -14.85
N VAL D 131 -11.33 -20.72 -14.05
CA VAL D 131 -11.35 -21.31 -12.70
C VAL D 131 -12.09 -22.67 -12.79
N GLU D 132 -11.50 -23.72 -12.20
CA GLU D 132 -12.11 -25.05 -12.33
C GLU D 132 -13.08 -25.39 -11.20
N LYS D 133 -12.69 -25.20 -9.94
CA LYS D 133 -13.53 -25.66 -8.84
C LYS D 133 -13.36 -24.74 -7.65
N LYS D 134 -14.36 -24.73 -6.77
CA LYS D 134 -14.30 -23.92 -5.56
C LYS D 134 -13.08 -24.34 -4.76
N VAL D 135 -12.34 -23.35 -4.26
CA VAL D 135 -11.07 -23.59 -3.55
C VAL D 135 -11.10 -22.75 -2.27
N ASN D 136 -11.63 -23.35 -1.20
CA ASN D 136 -11.86 -22.62 0.04
C ASN D 136 -10.58 -22.03 0.66
N GLU D 137 -9.42 -22.64 0.46
CA GLU D 137 -8.22 -22.13 1.16
C GLU D 137 -7.67 -20.84 0.61
N ILE D 138 -7.78 -20.61 -0.70
CA ILE D 138 -7.46 -19.29 -1.22
C ILE D 138 -8.37 -18.26 -0.54
N LEU D 139 -9.68 -18.55 -0.50
CA LEU D 139 -10.66 -17.62 0.05
C LEU D 139 -10.41 -17.33 1.53
N ASN D 140 -10.17 -18.36 2.35
CA ASN D 140 -9.92 -18.11 3.77
C ASN D 140 -8.58 -17.44 4.02
N ARG D 141 -7.56 -17.78 3.22
CA ARG D 141 -6.29 -17.04 3.34
C ARG D 141 -6.50 -15.56 3.05
N LEU D 142 -7.39 -15.24 2.11
CA LEU D 142 -7.66 -13.86 1.70
C LEU D 142 -8.44 -13.11 2.77
N GLU D 143 -9.44 -13.78 3.36
CA GLU D 143 -10.31 -13.17 4.37
C GLU D 143 -9.52 -12.65 5.57
N LYS D 144 -8.41 -13.31 5.93
CA LYS D 144 -7.59 -12.80 7.02
C LYS D 144 -6.95 -11.48 6.69
N THR D 145 -6.74 -11.21 5.40
CA THR D 145 -6.16 -9.95 4.96
C THR D 145 -7.21 -8.98 4.50
N LYS D 146 -8.49 -9.37 4.52
CA LYS D 146 -9.56 -8.44 4.20
C LYS D 146 -9.64 -7.37 5.26
N VAL D 147 -9.82 -6.13 4.79
CA VAL D 147 -10.07 -4.97 5.62
C VAL D 147 -11.02 -4.06 4.86
N GLU D 148 -11.78 -3.29 5.62
CA GLU D 148 -12.75 -2.37 5.05
C GLU D 148 -12.15 -0.98 5.13
N ARG D 149 -12.28 -0.21 4.06
CA ARG D 149 -11.74 1.13 4.02
C ARG D 149 -12.69 2.00 3.24
N PHE D 150 -12.65 3.31 3.51
CA PHE D 150 -13.49 4.31 2.86
C PHE D 150 -12.63 5.32 2.13
N PRO D 151 -12.10 4.98 0.97
CA PRO D 151 -11.13 5.87 0.34
C PRO D 151 -11.76 7.11 -0.31
N ASP D 152 -10.91 8.12 -0.52
CA ASP D 152 -11.17 9.25 -1.41
C ASP D 152 -10.56 8.93 -2.77
N LEU D 153 -11.23 8.03 -3.48
CA LEU D 153 -10.69 7.54 -4.73
C LEU D 153 -10.02 8.62 -5.59
N ALA D 154 -10.72 9.73 -5.84
CA ALA D 154 -10.16 10.83 -6.62
C ALA D 154 -8.85 11.35 -6.02
N ALA D 155 -8.80 11.44 -4.69
CA ALA D 155 -7.60 11.94 -4.03
C ALA D 155 -6.40 11.01 -4.23
N GLU D 156 -6.59 9.71 -3.98
CA GLU D 156 -5.51 8.75 -4.10
C GLU D 156 -4.93 8.72 -5.50
N LYS D 157 -5.80 8.75 -6.52
CA LYS D 157 -5.27 8.81 -7.87
C LYS D 157 -4.35 10.02 -8.05
N GLU D 158 -4.80 11.20 -7.64
CA GLU D 158 -3.94 12.37 -7.84
C GLU D 158 -2.58 12.16 -7.23
N CYS D 159 -2.54 11.59 -6.02
CA CYS D 159 -1.27 11.33 -5.37
C CYS D 159 -0.37 10.52 -6.26
N ARG D 160 -0.89 9.41 -6.77
CA ARG D 160 -0.08 8.57 -7.63
C ARG D 160 0.46 9.37 -8.81
N ASP D 161 -0.43 10.07 -9.53
CA ASP D 161 -0.02 10.95 -10.63
C ASP D 161 1.09 11.92 -10.20
N ARG D 162 0.97 12.47 -8.99
CA ARG D 162 1.98 13.40 -8.48
C ARG D 162 3.33 12.73 -8.32
N GLU D 163 3.37 11.64 -7.52
CA GLU D 163 4.58 10.84 -7.43
C GLU D 163 5.16 10.61 -8.80
N GLU D 164 4.32 10.17 -9.74
CA GLU D 164 4.77 9.91 -11.10
C GLU D 164 5.38 11.15 -11.73
N ARG D 165 4.66 12.28 -11.68
CA ARG D 165 5.17 13.52 -12.26
C ARG D 165 6.56 13.85 -11.72
N ASN D 166 6.73 13.76 -10.41
CA ASN D 166 8.04 13.99 -9.81
C ASN D 166 9.05 12.95 -10.28
N GLU D 167 8.63 11.68 -10.45
CA GLU D 167 9.56 10.65 -10.90
C GLU D 167 10.04 10.92 -12.32
N LYS D 168 9.13 11.31 -13.22
CA LYS D 168 9.54 11.69 -14.57
C LYS D 168 10.45 12.91 -14.56
N LYS D 169 10.10 13.91 -13.75
CA LYS D 169 10.91 15.12 -13.63
C LYS D 169 12.35 14.79 -13.27
N ALA D 170 12.56 13.90 -12.30
CA ALA D 170 13.93 13.52 -11.92
C ALA D 170 14.63 12.81 -13.06
N GLN D 171 13.94 11.86 -13.70
CA GLN D 171 14.45 11.18 -14.90
C GLN D 171 14.78 12.16 -16.01
N ILE D 172 13.87 13.08 -16.32
CA ILE D 172 14.12 13.98 -17.46
C ILE D 172 15.24 14.97 -17.15
N GLN D 173 15.32 15.48 -15.91
CA GLN D 173 16.40 16.43 -15.62
C GLN D 173 17.76 15.75 -15.68
N GLU D 174 17.87 14.53 -15.13
CA GLU D 174 19.13 13.79 -15.23
C GLU D 174 19.46 13.47 -16.70
N MET D 175 18.43 13.28 -17.54
CA MET D 175 18.63 13.03 -18.98
C MET D 175 19.21 14.26 -19.69
N LYS D 176 18.57 15.43 -19.52
CA LYS D 176 19.08 16.67 -20.09
C LYS D 176 20.42 17.09 -19.49
N LYS D 177 20.70 16.73 -18.23
CA LYS D 177 22.02 17.03 -17.66
C LYS D 177 23.14 16.34 -18.45
N ARG D 178 22.90 15.10 -18.89
CA ARG D 178 23.94 14.35 -19.60
C ARG D 178 24.33 14.99 -20.93
N GLU D 179 23.35 15.46 -21.72
CA GLU D 179 23.64 16.09 -23.02
C GLU D 179 24.47 17.36 -22.84
N LYS D 180 24.35 18.00 -21.68
CA LYS D 180 25.15 19.18 -21.34
C LYS D 180 26.65 18.86 -21.37
N GLU D 181 27.08 17.79 -20.67
CA GLU D 181 28.50 17.40 -20.66
C GLU D 181 28.96 16.83 -22.00
N GLU D 182 28.06 16.12 -22.71
CA GLU D 182 28.42 15.52 -24.00
C GLU D 182 28.61 16.59 -25.08
N MET D 183 27.84 17.67 -25.03
CA MET D 183 28.03 18.75 -26.01
C MET D 183 29.43 19.34 -25.88
N LYS D 184 29.91 19.54 -24.64
CA LYS D 184 31.27 20.03 -24.39
C LYS D 184 32.36 19.00 -24.77
N LYS D 185 32.18 17.73 -24.41
CA LYS D 185 33.17 16.68 -24.70
C LYS D 185 33.58 16.66 -26.17
#